data_2JAQ
#
_entry.id   2JAQ
#
_cell.length_a   84.527
_cell.length_b   84.527
_cell.length_c   53.603
_cell.angle_alpha   90.00
_cell.angle_beta   90.00
_cell.angle_gamma   120.00
#
_symmetry.space_group_name_H-M   'P 31'
#
loop_
_entity.id
_entity.type
_entity.pdbx_description
1 polymer 'DEOXYGUANOSINE KINASE'
2 non-polymer "2'-DEOXYCYTIDINE-5'-TRIPHOSPHATE"
3 water water
#
_entity_poly.entity_id   1
_entity_poly.type   'polypeptide(L)'
_entity_poly.pdbx_seq_one_letter_code
;MKIAIFGTVGAGKSTISAEISKKLGYEIFKEPVEENPYFEQYYKDLKKTVFKMQIYMLTARSKQLKQAKNLENIIFDRTL
LEDPIFMKVNYDLNNVDQTDYNTYIDFYNNVVLENLKIPENKLSFDIVIYLRVSTKTAISRIKKRGRSEELLIGEEYWET
LNKNYEEFYKQNVYDFPFFVVDAELDVKTQIELIMNKLNSIKNPN
;
_entity_poly.pdbx_strand_id   A,B
#
loop_
_chem_comp.id
_chem_comp.type
_chem_comp.name
_chem_comp.formula
DCP non-polymer 2'-DEOXYCYTIDINE-5'-TRIPHOSPHATE 'C9 H16 N3 O13 P3'
#
# COMPACT_ATOMS: atom_id res chain seq x y z
N MET A 1 4.58 -26.05 -13.93
CA MET A 1 3.13 -25.91 -13.60
C MET A 1 2.88 -25.04 -12.37
N LYS A 2 2.08 -24.00 -12.55
CA LYS A 2 1.74 -23.06 -11.50
C LYS A 2 0.28 -23.31 -11.09
N ILE A 3 0.09 -23.81 -9.87
CA ILE A 3 -1.22 -24.26 -9.44
C ILE A 3 -1.80 -23.34 -8.37
N ALA A 4 -2.90 -22.68 -8.73
CA ALA A 4 -3.55 -21.79 -7.80
C ALA A 4 -4.70 -22.52 -7.10
N ILE A 5 -4.73 -22.42 -5.77
CA ILE A 5 -5.82 -22.96 -4.97
C ILE A 5 -6.64 -21.82 -4.40
N PHE A 6 -7.91 -21.79 -4.79
CA PHE A 6 -8.74 -20.61 -4.71
C PHE A 6 -10.01 -20.98 -3.95
N GLY A 7 -10.36 -20.18 -2.96
CA GLY A 7 -11.56 -20.46 -2.20
C GLY A 7 -11.66 -19.71 -0.89
N THR A 8 -12.86 -19.67 -0.36
CA THR A 8 -13.17 -18.94 0.86
C THR A 8 -12.55 -19.59 2.10
N VAL A 9 -12.69 -18.91 3.24
CA VAL A 9 -12.22 -19.43 4.53
C VAL A 9 -12.96 -20.74 4.90
N GLY A 10 -12.19 -21.81 5.11
CA GLY A 10 -12.76 -23.10 5.48
C GLY A 10 -13.08 -23.97 4.29
N ALA A 11 -12.68 -23.52 3.09
CA ALA A 11 -12.81 -24.29 1.84
C ALA A 11 -11.90 -25.52 1.81
N GLY A 12 -10.81 -25.46 2.58
CA GLY A 12 -9.84 -26.57 2.63
C GLY A 12 -8.63 -26.39 1.74
N LYS A 13 -8.28 -25.14 1.46
CA LYS A 13 -7.14 -24.82 0.59
C LYS A 13 -5.81 -25.40 1.07
N SER A 14 -5.53 -25.28 2.36
CA SER A 14 -4.21 -25.72 2.83
C SER A 14 -4.10 -27.24 2.89
N THR A 15 -5.21 -27.89 3.21
CA THR A 15 -5.31 -29.35 3.15
C THR A 15 -5.10 -29.88 1.72
N ILE A 16 -5.85 -29.32 0.77
CA ILE A 16 -5.70 -29.65 -0.66
C ILE A 16 -4.28 -29.38 -1.19
N SER A 17 -3.73 -28.20 -0.88
CA SER A 17 -2.35 -27.88 -1.23
C SER A 17 -1.37 -28.98 -0.77
N ALA A 18 -1.46 -29.36 0.51
CA ALA A 18 -0.59 -30.39 1.08
C ALA A 18 -0.74 -31.72 0.33
N GLU A 19 -1.98 -32.12 0.08
CA GLU A 19 -2.25 -33.35 -0.68
C GLU A 19 -1.68 -33.32 -2.10
N ILE A 20 -1.77 -32.18 -2.77
CA ILE A 20 -1.17 -32.04 -4.11
C ILE A 20 0.37 -32.05 -4.04
N SER A 21 0.91 -31.40 -3.00
CA SER A 21 2.35 -31.37 -2.78
C SER A 21 2.88 -32.80 -2.63
N LYS A 22 2.21 -33.61 -1.82
CA LYS A 22 2.56 -35.00 -1.60
C LYS A 22 2.68 -35.81 -2.90
N LYS A 23 1.75 -35.56 -3.83
CA LYS A 23 1.68 -36.30 -5.09
C LYS A 23 2.63 -35.80 -6.18
N LEU A 24 2.90 -34.49 -6.20
CA LEU A 24 3.74 -33.91 -7.25
C LEU A 24 5.13 -33.51 -6.75
N GLY A 25 5.27 -33.38 -5.44
CA GLY A 25 6.55 -32.97 -4.85
C GLY A 25 6.80 -31.48 -4.94
N TYR A 26 5.75 -30.69 -5.18
CA TYR A 26 5.90 -29.24 -5.35
C TYR A 26 5.99 -28.45 -4.04
N GLU A 27 6.71 -27.34 -4.11
CA GLU A 27 6.68 -26.33 -3.07
C GLU A 27 5.30 -25.66 -2.96
N ILE A 28 4.88 -25.40 -1.72
CA ILE A 28 3.62 -24.67 -1.47
C ILE A 28 3.87 -23.22 -1.06
N PHE A 29 3.28 -22.29 -1.79
CA PHE A 29 3.28 -20.90 -1.39
C PHE A 29 2.17 -20.59 -0.39
N LYS A 30 2.56 -20.47 0.88
CA LYS A 30 1.66 -20.19 1.97
C LYS A 30 1.96 -18.82 2.55
N GLU A 31 0.92 -18.19 3.11
CA GLU A 31 1.07 -17.00 3.92
C GLU A 31 0.56 -17.35 5.32
N PRO A 32 1.49 -17.72 6.22
CA PRO A 32 1.13 -18.24 7.54
C PRO A 32 0.40 -17.21 8.38
N VAL A 33 -0.76 -17.60 8.90
CA VAL A 33 -1.58 -16.74 9.75
C VAL A 33 -0.91 -16.39 11.09
N GLU A 34 -0.01 -17.26 11.54
CA GLU A 34 0.70 -17.09 12.81
C GLU A 34 1.78 -16.01 12.71
N GLU A 35 2.20 -15.70 11.48
CA GLU A 35 3.21 -14.67 11.25
C GLU A 35 2.57 -13.31 10.96
N ASN A 36 1.24 -13.27 10.91
CA ASN A 36 0.47 -12.05 10.65
C ASN A 36 0.28 -11.22 11.92
N PRO A 37 0.97 -10.06 12.02
CA PRO A 37 0.95 -9.27 13.26
C PRO A 37 -0.40 -8.64 13.57
N TYR A 38 -1.32 -8.65 12.59
CA TYR A 38 -2.64 -8.05 12.72
C TYR A 38 -3.74 -9.03 13.09
N PHE A 39 -3.49 -10.32 12.87
CA PHE A 39 -4.51 -11.35 12.97
C PHE A 39 -5.19 -11.44 14.33
N GLU A 40 -4.39 -11.38 15.40
CA GLU A 40 -4.89 -11.45 16.79
C GLU A 40 -6.01 -10.45 17.11
N GLN A 41 -5.94 -9.25 16.53
CA GLN A 41 -6.87 -8.15 16.82
C GLN A 41 -7.86 -7.86 15.69
N TYR A 42 -7.59 -8.45 14.53
CA TYR A 42 -8.34 -8.21 13.31
C TYR A 42 -9.86 -8.34 13.49
N TYR A 43 -10.30 -9.50 13.95
CA TYR A 43 -11.73 -9.81 14.03
C TYR A 43 -12.47 -9.14 15.19
N LYS A 44 -11.71 -8.71 16.20
CA LYS A 44 -12.27 -7.99 17.36
C LYS A 44 -12.92 -6.67 16.96
N ASP A 45 -12.28 -5.94 16.04
CA ASP A 45 -12.85 -4.73 15.45
C ASP A 45 -12.41 -4.53 14.00
N LEU A 46 -13.28 -4.97 13.09
CA LEU A 46 -13.04 -4.88 11.65
C LEU A 46 -12.91 -3.43 11.17
N LYS A 47 -13.83 -2.56 11.58
CA LYS A 47 -13.76 -1.13 11.28
C LYS A 47 -12.37 -0.54 11.53
N LYS A 48 -11.77 -0.92 12.66
CA LYS A 48 -10.45 -0.40 13.01
C LYS A 48 -9.30 -1.07 12.27
N THR A 49 -9.42 -2.38 12.03
CA THR A 49 -8.26 -3.17 11.57
C THR A 49 -8.18 -3.47 10.07
N VAL A 50 -9.32 -3.53 9.38
CA VAL A 50 -9.40 -4.02 7.98
C VAL A 50 -8.36 -3.40 7.03
N PHE A 51 -8.40 -2.07 6.87
CA PHE A 51 -7.50 -1.37 5.95
C PHE A 51 -6.04 -1.78 6.18
N LYS A 52 -5.56 -1.62 7.43
CA LYS A 52 -4.19 -2.03 7.80
C LYS A 52 -3.89 -3.48 7.47
N MET A 53 -4.82 -4.37 7.80
CA MET A 53 -4.66 -5.78 7.52
C MET A 53 -4.56 -6.05 6.01
N GLN A 54 -5.42 -5.41 5.23
CA GLN A 54 -5.48 -5.68 3.80
C GLN A 54 -4.28 -5.14 3.01
N ILE A 55 -3.67 -4.06 3.50
CA ILE A 55 -2.42 -3.56 2.93
C ILE A 55 -1.26 -4.49 3.28
N TYR A 56 -1.25 -4.94 4.54
CA TYR A 56 -0.31 -5.96 4.96
C TYR A 56 -0.39 -7.21 4.07
N MET A 57 -1.62 -7.65 3.78
CA MET A 57 -1.83 -8.82 2.92
C MET A 57 -1.21 -8.62 1.53
N LEU A 58 -1.48 -7.47 0.91
CA LEU A 58 -0.89 -7.13 -0.38
C LEU A 58 0.66 -7.17 -0.37
N THR A 59 1.27 -6.55 0.64
CA THR A 59 2.74 -6.54 0.84
C THR A 59 3.32 -7.94 0.93
N ALA A 60 2.79 -8.71 1.87
CA ALA A 60 3.26 -10.06 2.12
C ALA A 60 3.21 -10.92 0.86
N ARG A 61 2.07 -10.89 0.17
CA ARG A 61 1.86 -11.66 -1.04
C ARG A 61 2.81 -11.23 -2.17
N SER A 62 3.16 -9.93 -2.20
CA SER A 62 4.06 -9.39 -3.23
C SER A 62 5.50 -9.88 -3.06
N LYS A 63 5.96 -9.95 -1.82
CA LYS A 63 7.30 -10.45 -1.49
C LYS A 63 7.45 -11.94 -1.82
N GLN A 64 6.37 -12.69 -1.65
CA GLN A 64 6.38 -14.08 -2.04
C GLN A 64 6.44 -14.19 -3.57
N LEU A 65 6.04 -13.13 -4.25
CA LEU A 65 6.04 -13.13 -5.71
C LEU A 65 7.43 -12.92 -6.30
N LYS A 66 8.23 -12.03 -5.70
CA LYS A 66 9.58 -11.74 -6.16
C LYS A 66 10.38 -13.00 -6.49
N ASN A 73 7.16 -24.59 -11.03
CA ASN A 73 6.49 -25.66 -10.28
C ASN A 73 6.09 -25.23 -8.88
N ILE A 74 4.89 -24.67 -8.75
CA ILE A 74 4.44 -24.09 -7.49
C ILE A 74 2.94 -24.29 -7.26
N ILE A 75 2.59 -24.53 -6.01
CA ILE A 75 1.21 -24.51 -5.58
C ILE A 75 1.01 -23.25 -4.74
N PHE A 76 0.08 -22.41 -5.18
CA PHE A 76 -0.30 -21.21 -4.44
C PHE A 76 -1.51 -21.44 -3.54
N ASP A 77 -1.30 -21.42 -2.24
CA ASP A 77 -2.34 -21.61 -1.25
C ASP A 77 -3.01 -20.25 -1.00
N ARG A 78 -4.05 -19.97 -1.79
CA ARG A 78 -4.63 -18.63 -1.98
C ARG A 78 -3.69 -17.72 -2.79
N THR A 79 -4.29 -16.85 -3.59
CA THR A 79 -3.58 -15.99 -4.54
C THR A 79 -3.79 -14.51 -4.23
N LEU A 80 -3.04 -13.66 -4.92
CA LEU A 80 -3.19 -12.21 -4.80
C LEU A 80 -4.50 -11.71 -5.40
N LEU A 81 -5.08 -12.50 -6.31
CA LEU A 81 -6.37 -12.20 -6.91
C LEU A 81 -7.49 -12.17 -5.87
N GLU A 82 -7.28 -12.89 -4.78
CA GLU A 82 -8.32 -13.10 -3.77
C GLU A 82 -8.36 -12.03 -2.70
N ASP A 83 -7.23 -11.39 -2.43
CA ASP A 83 -7.18 -10.36 -1.39
C ASP A 83 -8.20 -9.23 -1.53
N PRO A 84 -8.35 -8.64 -2.74
CA PRO A 84 -9.39 -7.61 -2.91
C PRO A 84 -10.83 -8.08 -2.62
N ILE A 85 -11.07 -9.40 -2.67
CA ILE A 85 -12.39 -9.96 -2.33
C ILE A 85 -12.71 -9.63 -0.86
N PHE A 86 -11.71 -9.75 0.00
CA PHE A 86 -11.87 -9.46 1.42
C PHE A 86 -12.12 -7.98 1.72
N MET A 87 -11.51 -7.09 0.92
CA MET A 87 -11.76 -5.66 1.05
C MET A 87 -13.16 -5.30 0.59
N LYS A 88 -13.59 -5.91 -0.52
CA LYS A 88 -14.93 -5.73 -1.06
C LYS A 88 -16.01 -6.12 -0.06
N VAL A 89 -15.81 -7.25 0.62
CA VAL A 89 -16.73 -7.75 1.64
C VAL A 89 -16.84 -6.78 2.83
N ASN A 90 -15.72 -6.22 3.25
CA ASN A 90 -15.74 -5.27 4.36
C ASN A 90 -16.35 -3.92 3.97
N TYR A 91 -16.21 -3.54 2.70
CA TYR A 91 -16.90 -2.36 2.16
C TYR A 91 -18.42 -2.61 2.05
N ASP A 92 -18.79 -3.83 1.65
CA ASP A 92 -20.20 -4.21 1.57
C ASP A 92 -20.89 -4.23 2.93
N LEU A 93 -20.10 -4.52 3.97
CA LEU A 93 -20.60 -4.63 5.34
C LEU A 93 -20.31 -3.36 6.13
N ASN A 94 -19.92 -2.31 5.41
CA ASN A 94 -19.65 -0.98 5.99
C ASN A 94 -18.54 -0.96 7.05
N ASN A 95 -17.61 -1.90 6.91
CA ASN A 95 -16.40 -1.93 7.73
C ASN A 95 -15.31 -1.06 7.14
N VAL A 96 -15.53 -0.65 5.89
CA VAL A 96 -14.67 0.27 5.16
C VAL A 96 -15.59 1.26 4.41
N ASP A 97 -15.24 2.54 4.43
CA ASP A 97 -15.98 3.55 3.68
C ASP A 97 -15.54 3.63 2.20
N GLN A 98 -16.26 4.42 1.42
CA GLN A 98 -15.98 4.63 -0.01
C GLN A 98 -14.53 5.06 -0.28
N THR A 99 -14.06 6.05 0.48
CA THR A 99 -12.74 6.67 0.29
C THR A 99 -11.61 5.68 0.51
N ASP A 100 -11.63 4.98 1.64
CA ASP A 100 -10.65 3.94 1.94
C ASP A 100 -10.69 2.80 0.93
N TYR A 101 -11.90 2.48 0.44
CA TYR A 101 -12.05 1.43 -0.57
C TYR A 101 -11.44 1.85 -1.90
N ASN A 102 -11.77 3.06 -2.36
CA ASN A 102 -11.12 3.67 -3.53
C ASN A 102 -9.60 3.68 -3.41
N THR A 103 -9.10 4.10 -2.24
CA THR A 103 -7.67 4.15 -1.96
C THR A 103 -7.00 2.82 -2.24
N TYR A 104 -7.48 1.78 -1.55
CA TYR A 104 -7.00 0.41 -1.72
C TYR A 104 -7.13 -0.07 -3.17
N ILE A 105 -8.31 0.13 -3.75
CA ILE A 105 -8.61 -0.36 -5.10
C ILE A 105 -7.67 0.24 -6.16
N ASP A 106 -7.54 1.57 -6.12
CA ASP A 106 -6.62 2.28 -6.99
C ASP A 106 -5.19 1.85 -6.67
N PHE A 107 -4.90 1.79 -5.38
CA PHE A 107 -3.62 1.36 -4.85
C PHE A 107 -3.27 -0.07 -5.29
N TYR A 108 -4.29 -0.94 -5.36
CA TYR A 108 -4.12 -2.32 -5.81
C TYR A 108 -3.72 -2.41 -7.28
N ASN A 109 -4.30 -1.55 -8.12
CA ASN A 109 -3.98 -1.56 -9.55
C ASN A 109 -2.75 -0.74 -9.93
N ASN A 110 -2.51 0.34 -9.20
CA ASN A 110 -1.47 1.29 -9.58
C ASN A 110 -0.19 1.18 -8.77
N VAL A 111 -0.18 0.31 -7.78
CA VAL A 111 1.01 0.09 -6.95
C VAL A 111 1.34 -1.39 -6.87
N VAL A 112 0.38 -2.20 -6.41
CA VAL A 112 0.58 -3.63 -6.24
C VAL A 112 0.66 -4.32 -7.59
N LEU A 113 -0.44 -4.26 -8.36
CA LEU A 113 -0.53 -4.92 -9.65
C LEU A 113 0.58 -4.44 -10.58
N GLU A 114 0.74 -3.12 -10.70
CA GLU A 114 1.77 -2.53 -11.55
C GLU A 114 3.21 -2.87 -11.09
N ASN A 115 3.38 -3.06 -9.78
CA ASN A 115 4.66 -3.36 -9.11
C ASN A 115 5.48 -2.10 -8.80
N LYS A 122 5.36 -13.39 -13.08
CA LYS A 122 4.16 -12.64 -13.46
C LYS A 122 3.05 -12.87 -12.41
N LEU A 123 1.92 -13.40 -12.87
CA LEU A 123 0.76 -13.74 -12.05
C LEU A 123 -0.03 -14.82 -12.77
N SER A 124 0.66 -15.53 -13.66
CA SER A 124 0.07 -16.53 -14.54
C SER A 124 -0.02 -17.87 -13.82
N PHE A 125 -1.17 -18.52 -13.93
CA PHE A 125 -1.39 -19.84 -13.36
C PHE A 125 -1.86 -20.77 -14.46
N ASP A 126 -1.39 -22.02 -14.41
CA ASP A 126 -1.81 -23.04 -15.36
C ASP A 126 -3.22 -23.54 -15.08
N ILE A 127 -3.66 -23.35 -13.84
CA ILE A 127 -4.95 -23.81 -13.34
C ILE A 127 -5.27 -23.04 -12.06
N VAL A 128 -6.52 -22.61 -11.92
CA VAL A 128 -7.00 -22.00 -10.69
C VAL A 128 -8.08 -22.92 -10.14
N ILE A 129 -7.74 -23.64 -9.07
CA ILE A 129 -8.66 -24.62 -8.51
C ILE A 129 -9.60 -23.96 -7.52
N TYR A 130 -10.87 -23.83 -7.90
CA TYR A 130 -11.89 -23.21 -7.05
C TYR A 130 -12.57 -24.28 -6.20
N LEU A 131 -12.20 -24.31 -4.93
CA LEU A 131 -12.78 -25.21 -3.97
C LEU A 131 -14.09 -24.60 -3.52
N ARG A 132 -15.15 -24.82 -4.30
CA ARG A 132 -16.48 -24.29 -4.00
C ARG A 132 -17.11 -25.10 -2.89
N VAL A 133 -17.60 -24.38 -1.88
CA VAL A 133 -18.03 -24.97 -0.62
C VAL A 133 -19.24 -24.17 -0.11
N SER A 134 -20.17 -24.86 0.54
CA SER A 134 -21.30 -24.18 1.16
C SER A 134 -20.77 -23.48 2.41
N THR A 135 -21.45 -22.40 2.81
CA THR A 135 -21.04 -21.63 3.97
C THR A 135 -21.13 -22.46 5.25
N LYS A 136 -22.17 -23.28 5.33
CA LYS A 136 -22.36 -24.22 6.44
C LYS A 136 -21.15 -25.10 6.69
N THR A 137 -20.70 -25.79 5.65
CA THR A 137 -19.49 -26.62 5.72
C THR A 137 -18.25 -25.78 6.05
N ALA A 138 -18.11 -24.62 5.40
CA ALA A 138 -17.00 -23.70 5.69
C ALA A 138 -16.96 -23.31 7.17
N ILE A 139 -18.11 -22.95 7.72
CA ILE A 139 -18.19 -22.60 9.14
C ILE A 139 -17.80 -23.76 10.06
N SER A 140 -18.31 -24.97 9.77
CA SER A 140 -18.02 -26.10 10.65
C SER A 140 -16.54 -26.50 10.57
N ARG A 141 -15.92 -26.27 9.41
CA ARG A 141 -14.46 -26.44 9.28
C ARG A 141 -13.69 -25.38 10.09
N ILE A 142 -14.22 -24.15 10.12
CA ILE A 142 -13.69 -23.05 10.93
C ILE A 142 -13.78 -23.38 12.42
N LYS A 143 -14.95 -23.86 12.85
CA LYS A 143 -15.16 -24.29 14.24
C LYS A 143 -14.25 -25.44 14.65
N LYS A 144 -14.16 -26.47 13.80
CA LYS A 144 -13.26 -27.61 14.03
C LYS A 144 -11.81 -27.18 14.21
N ARG A 145 -11.32 -26.35 13.29
CA ARG A 145 -9.95 -25.84 13.35
C ARG A 145 -9.72 -25.10 14.67
N GLY A 146 -10.73 -24.33 15.08
CA GLY A 146 -10.76 -23.71 16.40
C GLY A 146 -9.90 -22.46 16.61
N ARG A 147 -9.54 -21.76 15.54
CA ARG A 147 -8.92 -20.42 15.67
C ARG A 147 -9.85 -19.49 16.43
N SER A 148 -9.47 -19.19 17.68
CA SER A 148 -10.17 -18.26 18.55
C SER A 148 -10.60 -16.97 17.85
N GLU A 149 -9.70 -16.42 17.04
CA GLU A 149 -9.94 -15.15 16.32
C GLU A 149 -11.12 -15.25 15.35
N GLU A 150 -11.18 -16.35 14.60
CA GLU A 150 -12.24 -16.58 13.62
C GLU A 150 -13.60 -16.90 14.26
N LEU A 151 -13.55 -17.44 15.48
CA LEU A 151 -14.76 -17.79 16.24
C LEU A 151 -15.61 -16.56 16.61
N LEU A 152 -14.98 -15.39 16.59
CA LEU A 152 -15.59 -14.16 17.11
C LEU A 152 -16.66 -13.54 16.20
N ILE A 153 -16.37 -13.36 14.91
CA ILE A 153 -17.39 -12.78 14.01
C ILE A 153 -18.51 -13.78 13.70
N GLY A 154 -19.65 -13.24 13.28
CA GLY A 154 -20.84 -14.06 13.03
C GLY A 154 -20.95 -14.62 11.62
N GLU A 155 -22.04 -15.33 11.38
CA GLU A 155 -22.26 -16.03 10.12
C GLU A 155 -22.39 -15.09 8.94
N GLU A 156 -22.96 -13.90 9.18
CA GLU A 156 -23.19 -12.93 8.11
C GLU A 156 -21.90 -12.61 7.36
N TYR A 157 -20.80 -12.49 8.12
CA TYR A 157 -19.48 -12.28 7.54
C TYR A 157 -19.09 -13.40 6.57
N TRP A 158 -19.15 -14.65 7.06
CA TRP A 158 -18.82 -15.81 6.24
C TRP A 158 -19.69 -15.95 4.99
N GLU A 159 -21.00 -15.73 5.15
CA GLU A 159 -21.96 -15.81 4.05
C GLU A 159 -21.74 -14.73 2.99
N THR A 160 -21.35 -13.54 3.45
CA THR A 160 -21.03 -12.43 2.56
C THR A 160 -19.77 -12.75 1.74
N LEU A 161 -18.76 -13.26 2.42
CA LEU A 161 -17.50 -13.65 1.80
C LEU A 161 -17.70 -14.73 0.74
N ASN A 162 -18.48 -15.76 1.08
CA ASN A 162 -18.75 -16.85 0.15
C ASN A 162 -19.44 -16.39 -1.13
N LYS A 163 -20.45 -15.55 -0.96
CA LYS A 163 -21.18 -14.91 -2.05
C LYS A 163 -20.24 -14.08 -2.92
N ASN A 164 -19.30 -13.41 -2.26
CA ASN A 164 -18.31 -12.60 -2.96
C ASN A 164 -17.28 -13.44 -3.72
N TYR A 165 -16.92 -14.60 -3.16
CA TYR A 165 -16.08 -15.58 -3.88
C TYR A 165 -16.75 -16.15 -5.12
N GLU A 166 -18.04 -16.45 -5.02
CA GLU A 166 -18.79 -16.99 -6.14
C GLU A 166 -18.91 -15.93 -7.23
N GLU A 167 -19.16 -14.69 -6.81
CA GLU A 167 -19.30 -13.59 -7.77
C GLU A 167 -18.00 -13.26 -8.48
N PHE A 168 -16.88 -13.30 -7.76
CA PHE A 168 -15.58 -13.11 -8.39
C PHE A 168 -15.38 -14.15 -9.48
N TYR A 169 -15.67 -15.40 -9.12
CA TYR A 169 -15.56 -16.52 -10.04
C TYR A 169 -16.39 -16.31 -11.30
N LYS A 170 -17.66 -15.91 -11.13
CA LYS A 170 -18.57 -15.71 -12.27
C LYS A 170 -18.15 -14.56 -13.18
N GLN A 171 -17.58 -13.52 -12.59
CA GLN A 171 -17.13 -12.34 -13.34
C GLN A 171 -15.81 -12.61 -14.09
N ASN A 172 -15.02 -13.55 -13.57
CA ASN A 172 -13.69 -13.83 -14.12
C ASN A 172 -13.54 -15.22 -14.76
N VAL A 173 -14.65 -15.94 -14.90
CA VAL A 173 -14.63 -17.34 -15.35
C VAL A 173 -13.88 -17.56 -16.69
N TYR A 174 -13.99 -16.61 -17.61
CA TYR A 174 -13.41 -16.74 -18.96
C TYR A 174 -11.98 -16.29 -19.05
N ASP A 175 -11.51 -15.64 -17.98
CA ASP A 175 -10.24 -14.92 -18.00
C ASP A 175 -9.11 -15.64 -17.27
N PHE A 176 -9.44 -16.78 -16.67
CA PHE A 176 -8.48 -17.63 -15.93
C PHE A 176 -8.85 -19.09 -16.16
N PRO A 177 -7.85 -20.01 -16.13
CA PRO A 177 -8.18 -21.43 -16.30
C PRO A 177 -8.73 -22.07 -15.01
N PHE A 178 -9.94 -21.67 -14.63
CA PHE A 178 -10.65 -22.23 -13.49
C PHE A 178 -10.99 -23.70 -13.72
N PHE A 179 -10.86 -24.46 -12.64
CA PHE A 179 -11.34 -25.83 -12.55
C PHE A 179 -12.04 -25.91 -11.20
N VAL A 180 -13.36 -26.09 -11.25
CA VAL A 180 -14.21 -26.11 -10.05
C VAL A 180 -14.20 -27.50 -9.40
N VAL A 181 -13.93 -27.52 -8.09
CA VAL A 181 -13.98 -28.74 -7.29
C VAL A 181 -15.03 -28.61 -6.18
N ASP A 182 -15.94 -29.58 -6.14
CA ASP A 182 -16.94 -29.66 -5.09
C ASP A 182 -16.25 -29.99 -3.76
N ALA A 183 -16.08 -28.98 -2.90
CA ALA A 183 -15.35 -29.15 -1.65
C ALA A 183 -16.20 -29.74 -0.53
N GLU A 184 -17.44 -30.13 -0.84
CA GLU A 184 -18.27 -30.95 0.06
C GLU A 184 -17.82 -32.42 0.01
N LEU A 185 -17.36 -32.85 -1.16
CA LEU A 185 -16.82 -34.20 -1.35
C LEU A 185 -15.70 -34.43 -0.36
N ASP A 186 -15.42 -35.67 0.00
CA ASP A 186 -14.29 -35.86 0.89
C ASP A 186 -12.95 -35.71 0.16
N VAL A 187 -11.92 -35.43 0.95
CA VAL A 187 -10.61 -35.02 0.46
C VAL A 187 -10.01 -36.00 -0.55
N LYS A 188 -10.10 -37.29 -0.28
CA LYS A 188 -9.60 -38.31 -1.22
C LYS A 188 -10.20 -38.18 -2.63
N THR A 189 -11.50 -37.88 -2.67
CA THR A 189 -12.22 -37.68 -3.92
C THR A 189 -11.79 -36.38 -4.61
N GLN A 190 -11.79 -35.28 -3.85
CA GLN A 190 -11.30 -33.99 -4.34
C GLN A 190 -9.93 -34.16 -5.01
N ILE A 191 -9.01 -34.79 -4.29
CA ILE A 191 -7.64 -34.98 -4.74
C ILE A 191 -7.56 -35.84 -6.00
N GLU A 192 -8.37 -36.90 -6.04
CA GLU A 192 -8.47 -37.79 -7.21
C GLU A 192 -8.95 -37.03 -8.44
N LEU A 193 -9.99 -36.21 -8.28
CA LEU A 193 -10.49 -35.33 -9.35
C LEU A 193 -9.47 -34.28 -9.80
N ILE A 194 -8.71 -33.77 -8.84
CA ILE A 194 -7.68 -32.77 -9.11
C ILE A 194 -6.50 -33.39 -9.89
N MET A 195 -6.03 -34.56 -9.45
CA MET A 195 -4.92 -35.25 -10.14
C MET A 195 -5.31 -35.67 -11.56
N ASN A 196 -6.52 -36.21 -11.71
CA ASN A 196 -7.07 -36.53 -13.03
C ASN A 196 -7.05 -35.32 -13.96
N LYS A 197 -7.50 -34.17 -13.46
CA LYS A 197 -7.46 -32.93 -14.22
C LYS A 197 -6.03 -32.47 -14.54
N LEU A 198 -5.15 -32.50 -13.55
CA LEU A 198 -3.75 -32.05 -13.74
C LEU A 198 -3.03 -32.90 -14.79
N ASN A 199 -3.19 -34.21 -14.68
CA ASN A 199 -2.58 -35.14 -15.63
C ASN A 199 -3.10 -34.98 -17.06
N SER A 200 -4.37 -34.59 -17.20
CA SER A 200 -4.93 -34.37 -18.54
C SER A 200 -4.42 -33.10 -19.24
N ILE A 201 -3.77 -32.22 -18.49
CA ILE A 201 -3.18 -30.99 -19.03
C ILE A 201 -1.65 -30.96 -18.89
N MET B 1 16.60 16.70 -18.40
CA MET B 1 16.92 17.06 -16.99
C MET B 1 15.74 16.81 -16.04
N LYS B 2 16.00 16.02 -15.01
CA LYS B 2 14.99 15.68 -14.01
C LYS B 2 15.33 16.42 -12.73
N ILE B 3 14.48 17.37 -12.36
CA ILE B 3 14.78 18.28 -11.26
C ILE B 3 13.90 18.00 -10.05
N ALA B 4 14.51 17.57 -8.97
CA ALA B 4 13.77 17.28 -7.75
C ALA B 4 13.84 18.49 -6.82
N ILE B 5 12.68 18.92 -6.32
CA ILE B 5 12.59 19.99 -5.33
C ILE B 5 12.18 19.38 -4.00
N PHE B 6 13.05 19.54 -3.02
CA PHE B 6 13.05 18.72 -1.81
C PHE B 6 13.03 19.66 -0.61
N GLY B 7 12.12 19.42 0.32
CA GLY B 7 12.05 20.26 1.49
C GLY B 7 10.78 20.12 2.28
N THR B 8 10.84 20.58 3.52
CA THR B 8 9.73 20.48 4.45
C THR B 8 8.54 21.37 4.06
N VAL B 9 7.44 21.24 4.82
CA VAL B 9 6.25 22.08 4.63
C VAL B 9 6.58 23.56 4.89
N GLY B 10 6.34 24.41 3.88
CA GLY B 10 6.59 25.84 4.00
C GLY B 10 7.98 26.24 3.55
N ALA B 11 8.72 25.27 2.99
CA ALA B 11 10.06 25.52 2.41
C ALA B 11 9.99 26.37 1.13
N GLY B 12 8.84 26.34 0.46
CA GLY B 12 8.66 27.11 -0.78
C GLY B 12 8.86 26.30 -2.06
N LYS B 13 8.63 24.99 -1.96
CA LYS B 13 8.81 24.09 -3.11
C LYS B 13 7.96 24.45 -4.33
N SER B 14 6.70 24.78 -4.11
CA SER B 14 5.82 25.00 -5.26
C SER B 14 6.11 26.36 -5.92
N THR B 15 6.47 27.34 -5.11
CA THR B 15 6.93 28.64 -5.60
C THR B 15 8.22 28.50 -6.44
N ILE B 16 9.22 27.83 -5.89
CA ILE B 16 10.47 27.54 -6.61
C ILE B 16 10.25 26.75 -7.90
N SER B 17 9.46 25.68 -7.83
CA SER B 17 9.07 24.92 -9.02
C SER B 17 8.53 25.82 -10.13
N ALA B 18 7.55 26.66 -9.79
CA ALA B 18 6.94 27.58 -10.75
C ALA B 18 7.98 28.52 -11.37
N GLU B 19 8.84 29.09 -10.53
CA GLU B 19 9.91 29.95 -11.01
C GLU B 19 10.89 29.26 -11.95
N ILE B 20 11.23 28.00 -11.66
CA ILE B 20 12.10 27.23 -12.56
C ILE B 20 11.36 26.86 -13.87
N SER B 21 10.08 26.55 -13.76
CA SER B 21 9.25 26.25 -14.91
C SER B 21 9.24 27.44 -15.88
N LYS B 22 9.04 28.64 -15.33
CA LYS B 22 9.05 29.87 -16.11
C LYS B 22 10.32 30.05 -16.93
N LYS B 23 11.46 29.72 -16.35
CA LYS B 23 12.77 29.91 -16.97
C LYS B 23 13.17 28.81 -17.96
N LEU B 24 12.75 27.58 -17.69
CA LEU B 24 13.15 26.44 -18.53
C LEU B 24 12.02 25.94 -19.43
N GLY B 25 10.79 26.28 -19.08
CA GLY B 25 9.62 25.82 -19.83
C GLY B 25 9.22 24.40 -19.50
N TYR B 26 9.69 23.87 -18.38
CA TYR B 26 9.40 22.48 -18.00
C TYR B 26 8.04 22.25 -17.35
N GLU B 27 7.51 21.06 -17.57
CA GLU B 27 6.36 20.57 -16.83
C GLU B 27 6.70 20.36 -15.35
N ILE B 28 5.75 20.70 -14.47
CA ILE B 28 5.89 20.47 -13.03
C ILE B 28 5.06 19.28 -12.55
N PHE B 29 5.72 18.32 -11.92
CA PHE B 29 5.03 17.23 -11.26
C PHE B 29 4.56 17.62 -9.87
N LYS B 30 3.27 17.89 -9.75
CA LYS B 30 2.64 18.28 -8.50
C LYS B 30 1.67 17.22 -8.04
N GLU B 31 1.48 17.14 -6.73
CA GLU B 31 0.42 16.35 -6.15
C GLU B 31 -0.48 17.32 -5.39
N PRO B 32 -1.57 17.75 -6.03
CA PRO B 32 -2.43 18.82 -5.50
C PRO B 32 -3.10 18.41 -4.19
N VAL B 33 -2.96 19.25 -3.17
CA VAL B 33 -3.54 19.01 -1.86
C VAL B 33 -5.07 19.04 -1.88
N GLU B 34 -5.64 19.76 -2.84
CA GLU B 34 -7.09 19.91 -2.98
C GLU B 34 -7.74 18.64 -3.53
N GLU B 35 -6.95 17.79 -4.18
CA GLU B 35 -7.43 16.53 -4.72
C GLU B 35 -7.24 15.37 -3.75
N ASN B 36 -6.63 15.66 -2.60
CA ASN B 36 -6.38 14.66 -1.54
C ASN B 36 -7.61 14.46 -0.65
N PRO B 37 -8.28 13.29 -0.77
CA PRO B 37 -9.54 13.07 -0.05
C PRO B 37 -9.38 12.97 1.46
N TYR B 38 -8.14 12.83 1.93
CA TYR B 38 -7.82 12.68 3.34
C TYR B 38 -7.43 13.97 4.04
N PHE B 39 -7.03 14.97 3.25
CA PHE B 39 -6.41 16.19 3.78
C PHE B 39 -7.27 16.95 4.79
N GLU B 40 -8.56 17.10 4.45
CA GLU B 40 -9.53 17.82 5.31
C GLU B 40 -9.57 17.35 6.77
N GLN B 41 -9.40 16.03 6.97
CA GLN B 41 -9.52 15.41 8.30
C GLN B 41 -8.19 14.95 8.89
N TYR B 42 -7.15 14.96 8.05
CA TYR B 42 -5.83 14.47 8.41
C TYR B 42 -5.29 15.04 9.72
N TYR B 43 -5.21 16.36 9.81
CA TYR B 43 -4.58 17.03 10.96
C TYR B 43 -5.43 17.07 12.22
N LYS B 44 -6.74 16.89 12.07
CA LYS B 44 -7.68 16.83 13.20
C LYS B 44 -7.38 15.66 14.14
N ASP B 45 -7.05 14.50 13.56
CA ASP B 45 -6.60 13.34 14.34
C ASP B 45 -5.57 12.50 13.57
N LEU B 46 -4.30 12.75 13.86
CA LEU B 46 -3.18 12.06 13.22
C LEU B 46 -3.19 10.55 13.50
N LYS B 47 -3.36 10.18 14.77
CA LYS B 47 -3.49 8.76 15.16
C LYS B 47 -4.46 8.00 14.25
N LYS B 48 -5.60 8.61 13.96
CA LYS B 48 -6.60 7.95 13.13
C LYS B 48 -6.29 7.98 11.63
N THR B 49 -5.70 9.08 11.16
CA THR B 49 -5.61 9.32 9.71
C THR B 49 -4.27 8.99 9.04
N VAL B 50 -3.15 9.07 9.78
CA VAL B 50 -1.80 8.99 9.21
C VAL B 50 -1.57 7.81 8.24
N PHE B 51 -1.76 6.58 8.72
CA PHE B 51 -1.53 5.37 7.92
C PHE B 51 -2.26 5.46 6.58
N LYS B 52 -3.58 5.67 6.62
CA LYS B 52 -4.40 5.84 5.41
C LYS B 52 -3.87 6.93 4.48
N MET B 53 -3.54 8.07 5.05
CA MET B 53 -3.00 9.19 4.28
C MET B 53 -1.69 8.81 3.60
N GLN B 54 -0.79 8.17 4.34
CA GLN B 54 0.54 7.88 3.82
C GLN B 54 0.57 6.79 2.75
N ILE B 55 -0.40 5.87 2.79
CA ILE B 55 -0.57 4.89 1.71
C ILE B 55 -1.13 5.58 0.47
N TYR B 56 -2.12 6.44 0.69
CA TYR B 56 -2.64 7.27 -0.38
C TYR B 56 -1.52 8.07 -1.07
N MET B 57 -0.63 8.65 -0.28
CA MET B 57 0.50 9.41 -0.82
C MET B 57 1.39 8.55 -1.72
N LEU B 58 1.75 7.36 -1.25
CA LEU B 58 2.53 6.42 -2.05
C LEU B 58 1.87 6.07 -3.40
N THR B 59 0.57 5.74 -3.36
CA THR B 59 -0.24 5.45 -4.57
C THR B 59 -0.22 6.58 -5.57
N ALA B 60 -0.62 7.77 -5.11
CA ALA B 60 -0.71 8.94 -5.95
C ALA B 60 0.63 9.23 -6.64
N ARG B 61 1.70 9.23 -5.86
CA ARG B 61 3.04 9.50 -6.37
C ARG B 61 3.49 8.45 -7.40
N SER B 62 3.06 7.20 -7.21
CA SER B 62 3.42 6.10 -8.12
C SER B 62 2.78 6.23 -9.50
N LYS B 63 1.50 6.66 -9.52
CA LYS B 63 0.76 6.89 -10.76
C LYS B 63 1.36 8.04 -11.57
N GLN B 64 1.87 9.05 -10.88
CA GLN B 64 2.56 10.13 -11.54
C GLN B 64 3.88 9.63 -12.13
N LEU B 65 4.38 8.53 -11.59
CA LEU B 65 5.64 7.98 -12.07
C LEU B 65 5.50 7.20 -13.38
N LYS B 66 4.41 6.45 -13.53
CA LYS B 66 4.15 5.67 -14.74
C LYS B 66 4.40 6.48 -16.03
N ASN B 73 12.62 15.85 -19.15
CA ASN B 73 12.53 17.25 -18.74
C ASN B 73 11.37 17.51 -17.76
N ILE B 74 11.65 17.36 -16.47
CA ILE B 74 10.61 17.45 -15.45
C ILE B 74 11.11 18.10 -14.16
N ILE B 75 10.23 18.87 -13.54
CA ILE B 75 10.45 19.37 -12.20
C ILE B 75 9.51 18.61 -11.28
N PHE B 76 10.08 17.93 -10.29
CA PHE B 76 9.30 17.23 -9.27
C PHE B 76 9.11 18.09 -8.02
N ASP B 77 7.88 18.52 -7.78
CA ASP B 77 7.53 19.33 -6.62
C ASP B 77 7.26 18.38 -5.45
N ARG B 78 8.32 18.09 -4.70
CA ARG B 78 8.40 16.97 -3.74
C ARG B 78 8.47 15.62 -4.45
N THR B 79 9.21 14.69 -3.87
CA THR B 79 9.51 13.38 -4.46
C THR B 79 8.96 12.24 -3.61
N LEU B 80 9.03 11.03 -4.15
CA LEU B 80 8.62 9.83 -3.43
C LEU B 80 9.60 9.48 -2.30
N LEU B 81 10.82 9.98 -2.40
CA LEU B 81 11.83 9.82 -1.36
C LEU B 81 11.40 10.46 -0.04
N GLU B 82 10.55 11.47 -0.14
CA GLU B 82 10.18 12.30 1.00
C GLU B 82 9.00 11.77 1.80
N ASP B 83 8.12 11.02 1.15
CA ASP B 83 6.94 10.49 1.83
C ASP B 83 7.23 9.69 3.11
N PRO B 84 8.19 8.73 3.06
CA PRO B 84 8.53 8.01 4.30
C PRO B 84 9.02 8.91 5.46
N ILE B 85 9.49 10.12 5.15
CA ILE B 85 9.91 11.08 6.19
C ILE B 85 8.70 11.43 7.07
N PHE B 86 7.54 11.61 6.43
CA PHE B 86 6.32 11.94 7.15
C PHE B 86 5.79 10.79 8.02
N MET B 87 6.00 9.55 7.58
CA MET B 87 5.64 8.39 8.38
C MET B 87 6.56 8.24 9.59
N LYS B 88 7.85 8.48 9.37
CA LYS B 88 8.86 8.44 10.42
C LYS B 88 8.56 9.45 11.53
N VAL B 89 8.17 10.65 11.14
CA VAL B 89 7.81 11.71 12.07
C VAL B 89 6.58 11.35 12.92
N ASN B 90 5.59 10.73 12.31
CA ASN B 90 4.41 10.31 13.05
C ASN B 90 4.66 9.11 13.97
N TYR B 91 5.60 8.24 13.58
CA TYR B 91 6.08 7.17 14.45
C TYR B 91 6.90 7.73 15.64
N ASP B 92 7.71 8.76 15.36
CA ASP B 92 8.49 9.43 16.41
C ASP B 92 7.61 10.13 17.44
N LEU B 93 6.45 10.59 16.99
CA LEU B 93 5.50 11.33 17.81
C LEU B 93 4.37 10.43 18.30
N ASN B 94 4.56 9.12 18.14
CA ASN B 94 3.61 8.11 18.61
C ASN B 94 2.22 8.21 17.99
N ASN B 95 2.16 8.76 16.78
CA ASN B 95 0.94 8.80 15.99
C ASN B 95 0.75 7.51 15.19
N VAL B 96 1.83 6.74 15.13
CA VAL B 96 1.86 5.41 14.51
C VAL B 96 2.66 4.48 15.44
N ASP B 97 2.17 3.26 15.63
CA ASP B 97 2.90 2.26 16.42
C ASP B 97 3.96 1.51 15.59
N GLN B 98 4.76 0.69 16.27
CA GLN B 98 5.82 -0.10 15.64
C GLN B 98 5.32 -0.96 14.47
N THR B 99 4.21 -1.66 14.68
CA THR B 99 3.65 -2.61 13.72
C THR B 99 3.22 -1.94 12.42
N ASP B 100 2.40 -0.88 12.54
CA ASP B 100 1.99 -0.08 11.40
C ASP B 100 3.17 0.55 10.66
N TYR B 101 4.19 0.95 11.42
CA TYR B 101 5.39 1.54 10.83
C TYR B 101 6.18 0.50 10.03
N ASN B 102 6.42 -0.66 10.64
CA ASN B 102 6.99 -1.82 9.94
C ASN B 102 6.23 -2.16 8.66
N THR B 103 4.90 -2.22 8.77
CA THR B 103 4.02 -2.52 7.63
C THR B 103 4.31 -1.60 6.46
N TYR B 104 4.19 -0.29 6.70
CA TYR B 104 4.46 0.72 5.70
C TYR B 104 5.89 0.64 5.16
N ILE B 105 6.86 0.54 6.07
CA ILE B 105 8.27 0.54 5.70
C ILE B 105 8.64 -0.64 4.78
N ASP B 106 8.23 -1.84 5.19
CA ASP B 106 8.41 -3.04 4.39
C ASP B 106 7.62 -2.89 3.08
N PHE B 107 6.38 -2.43 3.24
CA PHE B 107 5.48 -2.16 2.14
C PHE B 107 6.06 -1.14 1.15
N TYR B 108 6.78 -0.14 1.66
CA TYR B 108 7.44 0.88 0.85
C TYR B 108 8.56 0.29 -0.02
N ASN B 109 9.32 -0.64 0.55
CA ASN B 109 10.43 -1.26 -0.20
C ASN B 109 10.01 -2.45 -1.07
N ASN B 110 9.01 -3.18 -0.63
CA ASN B 110 8.66 -4.43 -1.29
C ASN B 110 7.43 -4.36 -2.17
N VAL B 111 6.78 -3.20 -2.20
CA VAL B 111 5.60 -2.99 -3.04
C VAL B 111 5.75 -1.73 -3.87
N VAL B 112 5.97 -0.59 -3.19
CA VAL B 112 6.10 0.69 -3.87
C VAL B 112 7.41 0.77 -4.64
N LEU B 113 8.52 0.70 -3.91
CA LEU B 113 9.85 0.82 -4.51
C LEU B 113 10.07 -0.25 -5.57
N LYS B 122 12.37 5.57 -13.95
CA LYS B 122 13.03 5.05 -12.75
C LYS B 122 12.68 5.94 -11.55
N LEU B 123 13.70 6.52 -10.91
CA LEU B 123 13.57 7.42 -9.78
C LEU B 123 14.81 8.31 -9.74
N SER B 124 15.45 8.41 -10.90
CA SER B 124 16.72 9.12 -11.06
C SER B 124 16.47 10.61 -11.26
N PHE B 125 17.23 11.44 -10.55
CA PHE B 125 17.16 12.89 -10.68
C PHE B 125 18.55 13.41 -10.98
N ASP B 126 18.61 14.42 -11.85
CA ASP B 126 19.87 15.08 -12.18
C ASP B 126 20.37 15.98 -11.06
N ILE B 127 19.43 16.41 -10.21
CA ILE B 127 19.68 17.33 -9.11
C ILE B 127 18.51 17.20 -8.13
N VAL B 128 18.83 17.19 -6.84
CA VAL B 128 17.82 17.24 -5.78
C VAL B 128 18.04 18.54 -5.03
N ILE B 129 17.15 19.50 -5.25
CA ILE B 129 17.31 20.83 -4.65
C ILE B 129 16.68 20.85 -3.26
N TYR B 130 17.54 20.90 -2.24
CA TYR B 130 17.09 20.93 -0.85
C TYR B 130 16.91 22.39 -0.40
N LEU B 131 15.65 22.80 -0.32
CA LEU B 131 15.31 24.12 0.15
C LEU B 131 15.33 24.08 1.67
N ARG B 132 16.52 24.24 2.24
CA ARG B 132 16.70 24.21 3.70
C ARG B 132 16.21 25.51 4.29
N VAL B 133 15.38 25.39 5.30
CA VAL B 133 14.62 26.50 5.87
C VAL B 133 14.50 26.29 7.39
N SER B 134 14.52 27.39 8.14
CA SER B 134 14.30 27.29 9.58
C SER B 134 12.81 27.02 9.80
N THR B 135 12.49 26.39 10.92
CA THR B 135 11.12 26.04 11.24
C THR B 135 10.25 27.29 11.41
N LYS B 136 10.83 28.31 12.02
CA LYS B 136 10.20 29.62 12.19
C LYS B 136 9.68 30.19 10.88
N THR B 137 10.56 30.29 9.89
CA THR B 137 10.18 30.75 8.54
C THR B 137 9.14 29.82 7.90
N ALA B 138 9.35 28.51 8.01
CA ALA B 138 8.39 27.52 7.50
C ALA B 138 7.00 27.73 8.09
N ILE B 139 6.93 27.91 9.40
CA ILE B 139 5.64 28.16 10.08
C ILE B 139 4.97 29.45 9.59
N SER B 140 5.73 30.53 9.46
CA SER B 140 5.14 31.81 9.06
C SER B 140 4.67 31.76 7.60
N ARG B 141 5.34 30.97 6.78
CA ARG B 141 4.86 30.69 5.42
C ARG B 141 3.57 29.86 5.41
N ILE B 142 3.46 28.92 6.34
CA ILE B 142 2.26 28.12 6.57
C ILE B 142 1.09 29.00 7.01
N LYS B 143 1.34 29.88 7.97
CA LYS B 143 0.33 30.84 8.45
C LYS B 143 -0.12 31.80 7.35
N LYS B 144 0.83 32.36 6.60
CA LYS B 144 0.53 33.24 5.47
C LYS B 144 -0.37 32.56 4.42
N ARG B 145 0.01 31.35 4.02
CA ARG B 145 -0.77 30.58 3.05
C ARG B 145 -2.19 30.37 3.57
N GLY B 146 -2.30 30.09 4.87
CA GLY B 146 -3.59 30.05 5.55
C GLY B 146 -4.45 28.81 5.36
N ARG B 147 -3.85 27.68 4.97
CA ARG B 147 -4.57 26.39 4.99
C ARG B 147 -5.06 26.08 6.40
N SER B 148 -6.38 26.19 6.59
CA SER B 148 -7.06 25.88 7.84
C SER B 148 -6.59 24.57 8.47
N GLU B 149 -6.40 23.54 7.64
CA GLU B 149 -5.99 22.21 8.09
C GLU B 149 -4.63 22.22 8.77
N GLU B 150 -3.68 22.92 8.16
CA GLU B 150 -2.31 23.02 8.67
C GLU B 150 -2.20 23.90 9.93
N LEU B 151 -3.14 24.82 10.08
CA LEU B 151 -3.18 25.73 11.23
C LEU B 151 -3.44 24.99 12.56
N LEU B 152 -3.99 23.79 12.46
CA LEU B 152 -4.48 23.04 13.62
C LEU B 152 -3.39 22.43 14.50
N ILE B 153 -2.45 21.69 13.91
CA ILE B 153 -1.38 21.08 14.71
C ILE B 153 -0.37 22.13 15.20
N GLY B 154 0.37 21.79 16.26
CA GLY B 154 1.29 22.72 16.89
C GLY B 154 2.70 22.71 16.31
N GLU B 155 3.57 23.52 16.90
CA GLU B 155 4.93 23.72 16.43
C GLU B 155 5.77 22.46 16.52
N GLU B 156 5.50 21.64 17.55
CA GLU B 156 6.29 20.43 17.77
C GLU B 156 6.30 19.54 16.53
N TYR B 157 5.14 19.43 15.88
CA TYR B 157 5.01 18.69 14.62
C TYR B 157 5.97 19.23 13.54
N TRP B 158 5.88 20.53 13.27
CA TRP B 158 6.74 21.18 12.28
C TRP B 158 8.24 21.04 12.57
N GLU B 159 8.61 21.24 13.84
CA GLU B 159 10.00 21.13 14.29
C GLU B 159 10.55 19.70 14.18
N THR B 160 9.68 18.72 14.43
CA THR B 160 10.05 17.32 14.30
C THR B 160 10.29 16.98 12.82
N LEU B 161 9.37 17.43 11.97
CA LEU B 161 9.47 17.21 10.53
C LEU B 161 10.74 17.83 9.95
N ASN B 162 11.04 19.06 10.33
CA ASN B 162 12.24 19.75 9.86
C ASN B 162 13.53 19.02 10.21
N LYS B 163 13.61 18.60 11.48
CA LYS B 163 14.72 17.80 11.99
C LYS B 163 14.85 16.49 11.21
N ASN B 164 13.71 15.91 10.87
CA ASN B 164 13.69 14.68 10.09
C ASN B 164 14.10 14.88 8.63
N TYR B 165 13.76 16.03 8.07
CA TYR B 165 14.25 16.41 6.73
C TYR B 165 15.77 16.62 6.69
N GLU B 166 16.31 17.26 7.73
CA GLU B 166 17.74 17.48 7.80
C GLU B 166 18.47 16.16 7.97
N GLU B 167 17.91 15.27 8.79
CA GLU B 167 18.53 13.97 9.02
C GLU B 167 18.49 13.07 7.80
N PHE B 168 17.39 13.10 7.05
CA PHE B 168 17.33 12.37 5.79
C PHE B 168 18.44 12.83 4.87
N TYR B 169 18.57 14.15 4.75
CA TYR B 169 19.60 14.77 3.93
C TYR B 169 21.00 14.30 4.32
N LYS B 170 21.30 14.33 5.62
CA LYS B 170 22.62 13.95 6.13
C LYS B 170 22.95 12.48 5.91
N GLN B 171 21.94 11.63 6.00
CA GLN B 171 22.10 10.18 5.82
C GLN B 171 22.23 9.81 4.35
N ASN B 172 21.68 10.63 3.47
CA ASN B 172 21.65 10.36 2.03
C ASN B 172 22.49 11.29 1.15
N VAL B 173 23.26 12.17 1.79
CA VAL B 173 24.00 13.23 1.10
C VAL B 173 24.88 12.73 -0.07
N TYR B 174 25.50 11.56 0.09
CA TYR B 174 26.45 11.01 -0.89
C TYR B 174 25.78 10.21 -1.99
N ASP B 175 24.49 9.94 -1.80
CA ASP B 175 23.79 8.97 -2.63
C ASP B 175 22.85 9.60 -3.66
N PHE B 176 22.74 10.93 -3.60
CA PHE B 176 21.91 11.72 -4.52
C PHE B 176 22.62 13.03 -4.84
N PRO B 177 22.40 13.60 -6.04
CA PRO B 177 23.04 14.88 -6.35
C PRO B 177 22.32 16.09 -5.71
N PHE B 178 22.42 16.18 -4.39
CA PHE B 178 21.88 17.30 -3.63
C PHE B 178 22.59 18.59 -3.96
N PHE B 179 21.80 19.66 -4.02
CA PHE B 179 22.26 21.01 -4.10
C PHE B 179 21.43 21.79 -3.09
N VAL B 180 22.08 22.28 -2.03
CA VAL B 180 21.42 22.95 -0.92
C VAL B 180 21.20 24.44 -1.25
N VAL B 181 19.95 24.89 -1.06
CA VAL B 181 19.58 26.29 -1.24
C VAL B 181 19.05 26.86 0.08
N ASP B 182 19.64 27.96 0.52
CA ASP B 182 19.18 28.69 1.69
C ASP B 182 17.82 29.32 1.39
N ALA B 183 16.75 28.70 1.91
CA ALA B 183 15.40 29.15 1.61
C ALA B 183 14.94 30.32 2.48
N GLU B 184 15.85 30.86 3.31
CA GLU B 184 15.63 32.14 4.01
C GLU B 184 15.84 33.31 3.04
N LEU B 185 16.75 33.14 2.09
CA LEU B 185 17.03 34.12 1.05
C LEU B 185 15.74 34.43 0.32
N ASP B 186 15.62 35.60 -0.29
CA ASP B 186 14.40 35.82 -1.06
C ASP B 186 14.42 35.08 -2.39
N VAL B 187 13.22 34.87 -2.92
CA VAL B 187 12.97 33.98 -4.05
C VAL B 187 13.83 34.32 -5.27
N LYS B 188 13.96 35.59 -5.60
CA LYS B 188 14.81 36.02 -6.74
C LYS B 188 16.25 35.51 -6.62
N THR B 189 16.78 35.55 -5.40
CA THR B 189 18.13 35.08 -5.09
C THR B 189 18.21 33.55 -5.20
N GLN B 190 17.28 32.87 -4.53
CA GLN B 190 17.17 31.41 -4.61
C GLN B 190 17.20 30.95 -6.07
N ILE B 191 16.33 31.55 -6.88
CA ILE B 191 16.17 31.22 -8.28
C ILE B 191 17.45 31.48 -9.10
N GLU B 192 18.10 32.61 -8.81
CA GLU B 192 19.38 32.98 -9.45
C GLU B 192 20.47 31.95 -9.14
N LEU B 193 20.56 31.54 -7.87
CA LEU B 193 21.50 30.49 -7.44
C LEU B 193 21.18 29.13 -8.06
N ILE B 194 19.89 28.85 -8.21
CA ILE B 194 19.42 27.59 -8.82
C ILE B 194 19.75 27.55 -10.33
N MET B 195 19.45 28.63 -11.05
CA MET B 195 19.75 28.70 -12.48
C MET B 195 21.25 28.65 -12.77
N ASN B 196 22.04 29.37 -11.98
CA ASN B 196 23.50 29.28 -12.05
C ASN B 196 23.99 27.85 -11.91
N LYS B 197 23.46 27.14 -10.92
CA LYS B 197 23.80 25.73 -10.72
C LYS B 197 23.35 24.84 -11.88
N LEU B 198 22.10 25.02 -12.34
CA LEU B 198 21.56 24.20 -13.44
C LEU B 198 22.36 24.37 -14.72
N ASN B 199 22.68 25.61 -15.06
CA ASN B 199 23.47 25.92 -16.24
C ASN B 199 24.88 25.37 -16.19
N SER B 200 25.47 25.28 -15.00
CA SER B 200 26.82 24.73 -14.85
C SER B 200 26.89 23.20 -15.04
N ILE B 201 25.73 22.54 -15.04
CA ILE B 201 25.65 21.09 -15.25
C ILE B 201 24.85 20.72 -16.52
N1 DCP C . -7.70 -13.02 5.27
C2 DCP C . -8.22 -11.71 5.13
N3 DCP C . -7.94 -11.00 4.03
C4 DCP C . -7.17 -11.51 3.04
C5 DCP C . -6.64 -12.80 3.16
C6 DCP C . -6.92 -13.55 4.31
O2 DCP C . -8.94 -11.22 6.03
N4 DCP C . -6.93 -10.74 1.96
C1' DCP C . -8.01 -13.75 6.52
C2' DCP C . -9.13 -14.78 6.43
C3' DCP C . -8.62 -15.97 7.24
C4' DCP C . -7.12 -15.74 7.36
O4' DCP C . -6.81 -14.40 6.95
O3' DCP C . -9.15 -15.97 8.58
C5' DCP C . -6.39 -16.66 6.41
O5' DCP C . -6.10 -17.88 7.08
PA DCP C . -5.54 -19.06 6.15
O1A DCP C . -5.46 -20.32 6.98
O2A DCP C . -4.33 -18.56 5.41
O3A DCP C . -6.67 -19.19 5.01
PB DCP C . -8.00 -20.07 5.09
O1B DCP C . -8.87 -19.37 4.08
O2B DCP C . -8.40 -20.15 6.54
O3B DCP C . -7.52 -21.54 4.52
PG DCP C . -8.43 -22.88 4.32
O1G DCP C . -9.41 -22.84 5.46
O2G DCP C . -7.42 -23.99 4.42
O3G DCP C . -9.08 -22.80 2.96
N1 DCP D . 2.00 15.57 3.40
C2 DCP D . 2.04 14.47 4.30
N3 DCP D . 2.72 13.36 3.98
C4 DCP D . 3.38 13.26 2.82
C5 DCP D . 3.37 14.33 1.91
C6 DCP D . 2.66 15.49 2.23
O2 DCP D . 1.44 14.55 5.39
N4 DCP D . 4.06 12.12 2.55
C1' DCP D . 1.22 16.74 3.80
C2' DCP D . 2.06 17.88 4.37
C3' DCP D . 1.45 19.13 3.77
C4' DCP D . 0.68 18.66 2.54
O4' DCP D . 0.50 17.25 2.66
O3' DCP D . 0.56 19.70 4.73
C5' DCP D . 1.47 18.92 1.27
O5' DCP D . 1.30 20.27 0.83
PA DCP D . 1.97 20.75 -0.55
O1A DCP D . 1.19 21.98 -1.00
O2A DCP D . 2.11 19.59 -1.50
O3A DCP D . 3.48 21.28 -0.24
PB DCP D . 3.98 21.92 1.14
O1B DCP D . 5.05 20.98 1.65
O2B DCP D . 2.78 22.23 1.99
O3B DCP D . 4.61 23.44 0.93
PG DCP D . 5.68 23.94 -0.16
O1G DCP D . 5.33 25.32 -0.58
O2G DCP D . 5.35 22.94 -1.23
O3G DCP D . 7.05 23.82 0.43
#